data_5OQ6
#
_entry.id   5OQ6
#
_cell.length_a   45.000
_cell.length_b   66.160
_cell.length_c   54.980
_cell.angle_alpha   90.000
_cell.angle_beta   101.840
_cell.angle_gamma   90.000
#
_symmetry.space_group_name_H-M   'P 1 21 1'
#
loop_
_entity.id
_entity.type
_entity.pdbx_description
1 polymer 'Serine/threonine-protein kinase Chk1'
2 non-polymer 2-[(2-methoxy-4-{[4-(4-methylpiperazin-1-yl)piperidin-1-yl]carbonyl}phenyl)amino]-5,11-dimethyl-5,11-dihydro-6H-pyrimido[4,5-b][1,4]benzodiazepin-6-one
3 non-polymer 'CHLORIDE ION'
4 water water
#
_entity_poly.entity_id   1
_entity_poly.type   'polypeptide(L)'
_entity_poly.pdbx_seq_one_letter_code
;MAVPFVEDWDLVQTLGEGSFGEVQLAVNRVTEEAVAVKIVDMKRAVDCPENIKKEICILKMLNHENVIKFYGHRREGNIQ
YLFMELASGGSLFDRIEPDIGMPEPDAQRFFHQLMAGVVYLHGIGITHRDIKPHNLLLDERDNLKIADYSLATVFRYNNR
ERLLNKMCGTLPYVAPELLKRREFHAEPVDVWSCGIVLTAMLAGELPWDQPSDSCQEYSDWKEKKTYLNPWKKIDSAPLA
LLHKILVENPSARITIPDIKKDRWYNKPLKKGAKRPRVTSGGVSESPSGHHHHHHHH
;
_entity_poly.pdbx_strand_id   A
#
loop_
_chem_comp.id
_chem_comp.type
_chem_comp.name
_chem_comp.formula
4K4 non-polymer 2-[(2-methoxy-4-{[4-(4-methylpiperazin-1-yl)piperidin-1-yl]carbonyl}phenyl)amino]-5,11-dimethyl-5,11-dihydro-6H-pyrimido[4,5-b][1,4]benzodiazepin-6-one 'C31 H38 N8 O3'
CL non-polymer 'CHLORIDE ION' 'Cl -1'
#
# COMPACT_ATOMS: atom_id res chain seq x y z
N PHE A 5 -25.45 -14.27 -7.92
CA PHE A 5 -25.18 -15.58 -7.31
C PHE A 5 -25.13 -15.51 -5.80
N VAL A 6 -25.28 -14.36 -5.15
CA VAL A 6 -25.38 -14.36 -3.69
C VAL A 6 -26.50 -13.44 -3.35
N GLU A 7 -27.59 -14.00 -2.84
CA GLU A 7 -28.75 -13.23 -2.49
C GLU A 7 -29.12 -12.37 -3.69
N ASP A 8 -29.26 -11.07 -3.50
CA ASP A 8 -29.60 -10.16 -4.63
C ASP A 8 -28.53 -10.01 -5.72
N TRP A 9 -27.27 -10.31 -5.41
CA TRP A 9 -26.16 -10.02 -6.37
C TRP A 9 -25.76 -11.17 -7.29
N ASP A 10 -25.52 -10.82 -8.56
CA ASP A 10 -24.94 -11.69 -9.56
C ASP A 10 -23.42 -11.53 -9.54
N LEU A 11 -22.70 -12.65 -9.50
CA LEU A 11 -21.25 -12.69 -9.65
C LEU A 11 -20.81 -12.82 -11.09
N VAL A 12 -20.67 -11.67 -11.73
CA VAL A 12 -20.39 -11.52 -13.16
C VAL A 12 -19.01 -11.88 -13.74
N GLN A 13 -17.90 -11.47 -13.11
CA GLN A 13 -16.56 -11.76 -13.63
C GLN A 13 -15.48 -11.68 -12.58
N THR A 14 -14.39 -12.39 -12.87
CA THR A 14 -13.27 -12.47 -11.97
C THR A 14 -12.45 -11.20 -12.11
N LEU A 15 -12.21 -10.54 -10.98
CA LEU A 15 -11.39 -9.32 -11.00
C LEU A 15 -9.96 -9.59 -10.54
N GLY A 16 -9.75 -10.61 -9.74
CA GLY A 16 -8.43 -10.97 -9.31
C GLY A 16 -8.51 -12.22 -8.48
N GLU A 17 -7.37 -12.91 -8.38
CA GLU A 17 -7.23 -14.20 -7.70
C GLU A 17 -6.63 -14.04 -6.29
N GLY A 18 -6.01 -15.11 -5.81
CA GLY A 18 -5.34 -15.05 -4.54
C GLY A 18 -5.25 -16.41 -3.86
N SER A 19 -4.59 -16.38 -2.71
CA SER A 19 -4.30 -17.54 -1.90
C SER A 19 -5.60 -17.91 -1.16
N PHE A 20 -6.46 -18.67 -1.86
CA PHE A 20 -7.85 -18.95 -1.45
C PHE A 20 -8.76 -17.70 -1.24
N GLY A 21 -8.43 -16.56 -1.90
CA GLY A 21 -9.08 -15.25 -1.71
C GLY A 21 -9.34 -14.53 -3.05
N GLU A 22 -10.29 -15.08 -3.83
CA GLU A 22 -10.72 -14.50 -5.13
C GLU A 22 -11.71 -13.33 -5.03
N VAL A 23 -11.62 -12.41 -5.98
CA VAL A 23 -12.40 -11.21 -5.97
C VAL A 23 -13.22 -11.19 -7.25
N GLN A 24 -14.53 -11.00 -7.09
CA GLN A 24 -15.45 -10.97 -8.22
C GLN A 24 -16.21 -9.65 -8.35
N LEU A 25 -16.54 -9.29 -9.59
CA LEU A 25 -17.42 -8.15 -9.84
C LEU A 25 -18.86 -8.62 -9.51
N ALA A 26 -19.57 -7.91 -8.63
CA ALA A 26 -20.91 -8.28 -8.22
C ALA A 26 -21.92 -7.18 -8.56
N VAL A 27 -23.00 -7.52 -9.25
CA VAL A 27 -24.00 -6.54 -9.67
C VAL A 27 -25.34 -6.89 -9.08
N ASN A 28 -26.04 -5.90 -8.52
CA ASN A 28 -27.34 -6.14 -7.89
C ASN A 28 -28.44 -6.17 -8.96
N ARG A 29 -29.15 -7.31 -9.06
CA ARG A 29 -30.21 -7.52 -10.12
C ARG A 29 -31.31 -6.45 -10.06
N VAL A 30 -31.78 -6.20 -8.84
CA VAL A 30 -32.76 -5.15 -8.51
C VAL A 30 -32.27 -3.76 -8.92
N THR A 31 -31.12 -3.32 -8.39
CA THR A 31 -30.68 -1.91 -8.43
C THR A 31 -29.54 -1.58 -9.38
N GLU A 32 -28.91 -2.58 -10.00
CA GLU A 32 -27.79 -2.43 -10.95
C GLU A 32 -26.47 -1.95 -10.34
N GLU A 33 -26.41 -1.64 -9.03
CA GLU A 33 -25.19 -1.13 -8.46
C GLU A 33 -24.12 -2.25 -8.45
N ALA A 34 -22.91 -1.91 -8.90
CA ALA A 34 -21.84 -2.88 -8.95
C ALA A 34 -20.83 -2.62 -7.83
N VAL A 35 -20.43 -3.68 -7.13
CA VAL A 35 -19.43 -3.65 -6.07
C VAL A 35 -18.47 -4.80 -6.36
N ALA A 36 -17.51 -4.98 -5.47
CA ALA A 36 -16.59 -6.10 -5.55
C ALA A 36 -16.80 -6.99 -4.35
N VAL A 37 -16.55 -8.28 -4.52
CA VAL A 37 -16.81 -9.22 -3.45
C VAL A 37 -15.66 -10.17 -3.40
N LYS A 38 -15.16 -10.36 -2.20
CA LYS A 38 -14.04 -11.23 -1.98
C LYS A 38 -14.62 -12.50 -1.40
N ILE A 39 -14.24 -13.60 -2.04
CA ILE A 39 -14.72 -14.94 -1.71
C ILE A 39 -13.58 -15.71 -1.08
N VAL A 40 -13.73 -16.01 0.20
CA VAL A 40 -12.76 -16.82 0.94
C VAL A 40 -13.50 -17.97 1.60
N ASP A 41 -12.77 -19.02 1.99
CA ASP A 41 -13.37 -20.17 2.71
C ASP A 41 -12.56 -20.71 3.89
N ASN A 51 -8.97 -15.11 12.26
CA ASN A 51 -8.09 -14.67 11.22
C ASN A 51 -8.84 -13.77 10.23
N ILE A 52 -9.85 -14.30 9.56
CA ILE A 52 -10.67 -13.43 8.76
C ILE A 52 -11.63 -12.66 9.68
N LYS A 53 -11.93 -13.20 10.88
CA LYS A 53 -12.63 -12.42 11.96
C LYS A 53 -11.94 -11.06 12.18
N LYS A 54 -10.62 -11.11 12.35
CA LYS A 54 -9.80 -9.94 12.49
C LYS A 54 -9.84 -9.03 11.29
N GLU A 55 -9.67 -9.59 10.10
CA GLU A 55 -9.75 -8.79 8.91
C GLU A 55 -11.06 -8.00 8.88
N ILE A 56 -12.18 -8.66 9.17
CA ILE A 56 -13.51 -8.03 9.08
C ILE A 56 -13.62 -6.95 10.09
N CYS A 57 -13.12 -7.24 11.26
CA CYS A 57 -13.07 -6.26 12.31
C CYS A 57 -12.32 -4.98 11.86
N ILE A 58 -11.17 -5.14 11.23
CA ILE A 58 -10.44 -3.98 10.75
C ILE A 58 -11.19 -3.27 9.63
N LEU A 59 -11.72 -4.02 8.70
CA LEU A 59 -12.45 -3.47 7.57
C LEU A 59 -13.64 -2.61 7.97
N LYS A 60 -14.26 -2.98 9.09
CA LYS A 60 -15.42 -2.22 9.59
C LYS A 60 -15.04 -0.92 10.16
N MET A 61 -13.81 -0.77 10.63
CA MET A 61 -13.28 0.55 11.05
C MET A 61 -13.03 1.59 9.93
N LEU A 62 -12.92 1.13 8.69
CA LEU A 62 -12.40 2.00 7.64
C LEU A 62 -13.40 2.94 7.05
N ASN A 63 -13.14 4.22 7.20
CA ASN A 63 -13.98 5.24 6.55
C ASN A 63 -13.15 6.46 6.05
N HIS A 64 -12.57 6.33 4.88
CA HIS A 64 -11.76 7.42 4.30
C HIS A 64 -11.75 7.29 2.78
N GLU A 65 -11.72 8.42 2.10
CA GLU A 65 -11.75 8.41 0.62
C GLU A 65 -10.52 7.74 -0.05
N ASN A 66 -9.41 7.55 0.67
CA ASN A 66 -8.24 6.86 0.06
C ASN A 66 -8.02 5.47 0.65
N VAL A 67 -9.08 4.89 1.18
CA VAL A 67 -9.10 3.57 1.71
C VAL A 67 -10.34 2.87 1.18
N ILE A 68 -10.22 1.59 0.89
CA ILE A 68 -11.28 0.76 0.33
C ILE A 68 -12.40 0.62 1.35
N LYS A 69 -13.61 0.88 0.95
CA LYS A 69 -14.78 0.72 1.87
C LYS A 69 -15.31 -0.68 1.99
N PHE A 70 -15.79 -0.99 3.19
CA PHE A 70 -16.42 -2.24 3.47
C PHE A 70 -17.94 -2.06 3.56
N TYR A 71 -18.68 -2.84 2.76
CA TYR A 71 -20.15 -2.82 2.76
C TYR A 71 -20.81 -3.88 3.67
N GLY A 72 -20.21 -5.05 3.79
CA GLY A 72 -20.72 -6.10 4.71
C GLY A 72 -20.30 -7.47 4.26
N HIS A 73 -20.71 -8.48 5.01
CA HIS A 73 -20.31 -9.86 4.81
C HIS A 73 -21.48 -10.84 4.93
N ARG A 74 -21.34 -11.99 4.30
CA ARG A 74 -22.30 -13.09 4.40
C ARG A 74 -21.52 -14.40 4.38
N ARG A 75 -21.75 -15.29 5.36
CA ARG A 75 -21.23 -16.68 5.33
C ARG A 75 -22.28 -17.54 4.63
N GLU A 76 -21.88 -18.39 3.70
CA GLU A 76 -22.83 -19.34 3.08
C GLU A 76 -22.16 -20.70 3.10
N GLY A 77 -22.29 -21.36 4.25
CA GLY A 77 -21.59 -22.60 4.53
C GLY A 77 -20.13 -22.32 4.82
N ASN A 78 -19.25 -22.84 3.96
CA ASN A 78 -17.80 -22.65 4.13
C ASN A 78 -17.35 -21.29 3.63
N ILE A 79 -18.00 -20.77 2.61
CA ILE A 79 -17.59 -19.54 1.92
C ILE A 79 -18.06 -18.26 2.64
N GLN A 80 -17.13 -17.33 2.80
CA GLN A 80 -17.42 -16.02 3.35
C GLN A 80 -17.33 -15.09 2.17
N TYR A 81 -18.26 -14.14 2.11
CA TYR A 81 -18.31 -13.16 1.04
C TYR A 81 -18.16 -11.77 1.67
N LEU A 82 -17.05 -11.07 1.36
CA LEU A 82 -16.83 -9.70 1.89
C LEU A 82 -17.13 -8.73 0.79
N PHE A 83 -18.13 -7.88 1.00
CA PHE A 83 -18.57 -6.95 0.01
C PHE A 83 -17.85 -5.64 0.21
N MET A 84 -17.21 -5.20 -0.84
CA MET A 84 -16.30 -4.06 -0.78
C MET A 84 -16.42 -3.17 -1.98
N GLU A 85 -15.98 -1.95 -1.78
CA GLU A 85 -16.00 -0.95 -2.83
C GLU A 85 -15.29 -1.47 -4.05
N LEU A 86 -15.84 -1.20 -5.20
CA LEU A 86 -15.22 -1.53 -6.42
C LEU A 86 -14.32 -0.37 -6.92
N ALA A 87 -13.11 -0.70 -7.28
CA ALA A 87 -12.17 0.27 -7.84
C ALA A 87 -12.03 -0.06 -9.31
N SER A 88 -12.80 0.64 -10.11
CA SER A 88 -12.98 0.21 -11.53
C SER A 88 -11.84 0.64 -12.43
N GLY A 89 -10.96 1.49 -11.92
CA GLY A 89 -9.68 1.84 -12.58
C GLY A 89 -8.59 0.83 -12.46
N GLY A 90 -8.73 -0.23 -11.66
CA GLY A 90 -7.68 -1.23 -11.52
C GLY A 90 -6.55 -0.83 -10.59
N SER A 91 -5.35 -1.40 -10.78
CA SER A 91 -4.27 -1.11 -9.83
C SER A 91 -3.30 -0.09 -10.30
N LEU A 92 -2.58 0.48 -9.36
CA LEU A 92 -1.49 1.39 -9.67
C LEU A 92 -0.43 0.59 -10.39
N PHE A 93 -0.32 -0.70 -10.10
CA PHE A 93 0.67 -1.53 -10.73
C PHE A 93 0.61 -1.41 -12.26
N ASP A 94 -0.61 -1.42 -12.79
CA ASP A 94 -0.81 -1.36 -14.20
C ASP A 94 -0.64 0.01 -14.79
N ARG A 95 -0.37 1.04 -14.01
CA ARG A 95 -0.08 2.36 -14.55
C ARG A 95 1.37 2.63 -14.58
N ILE A 96 2.16 1.69 -14.06
CA ILE A 96 3.58 1.92 -14.03
C ILE A 96 4.20 1.26 -15.27
N GLU A 97 4.81 2.03 -16.15
CA GLU A 97 5.49 1.39 -17.25
C GLU A 97 6.88 0.85 -16.87
N PRO A 98 7.18 -0.40 -17.15
CA PRO A 98 8.46 -1.01 -16.76
C PRO A 98 9.61 -0.28 -17.37
N ASP A 99 10.59 0.02 -16.54
CA ASP A 99 11.75 0.81 -16.87
C ASP A 99 11.55 2.28 -17.08
N ILE A 100 10.32 2.79 -17.01
CA ILE A 100 10.03 4.20 -17.25
C ILE A 100 9.37 4.84 -16.01
N GLY A 101 8.29 4.25 -15.55
CA GLY A 101 7.54 4.77 -14.43
C GLY A 101 6.30 5.45 -14.95
N MET A 102 6.15 6.70 -14.61
CA MET A 102 5.02 7.46 -15.02
C MET A 102 5.40 8.94 -14.92
N PRO A 103 4.60 9.82 -15.51
CA PRO A 103 4.95 11.23 -15.42
C PRO A 103 4.92 11.67 -13.98
N GLU A 104 5.92 12.43 -13.63
CA GLU A 104 6.17 12.90 -12.27
C GLU A 104 4.94 13.57 -11.59
N PRO A 105 4.10 14.35 -12.32
CA PRO A 105 2.93 14.94 -11.74
C PRO A 105 1.89 13.88 -11.33
N ASP A 106 1.73 12.82 -12.12
CA ASP A 106 0.82 11.73 -11.76
C ASP A 106 1.36 11.03 -10.54
N ALA A 107 2.69 10.81 -10.52
CA ALA A 107 3.32 10.10 -9.40
C ALA A 107 3.12 10.92 -8.11
N GLN A 108 3.28 12.22 -8.20
CA GLN A 108 3.09 13.09 -7.02
C GLN A 108 1.69 13.08 -6.50
N ARG A 109 0.73 13.08 -7.42
CA ARG A 109 -0.67 13.08 -6.99
C ARG A 109 -1.00 11.76 -6.32
N PHE A 110 -0.53 10.64 -6.90
CA PHE A 110 -0.77 9.37 -6.27
C PHE A 110 -0.11 9.29 -4.90
N PHE A 111 1.14 9.83 -4.83
CA PHE A 111 1.85 9.87 -3.54
C PHE A 111 1.11 10.68 -2.45
N HIS A 112 0.56 11.84 -2.82
CA HIS A 112 -0.28 12.59 -1.97
C HIS A 112 -1.44 11.78 -1.45
N GLN A 113 -2.13 11.07 -2.31
CA GLN A 113 -3.24 10.29 -1.89
C GLN A 113 -2.84 9.12 -1.03
N LEU A 114 -1.73 8.49 -1.37
CA LEU A 114 -1.22 7.39 -0.59
C LEU A 114 -0.93 7.86 0.81
N MET A 115 -0.26 9.01 0.93
CA MET A 115 0.05 9.53 2.28
C MET A 115 -1.22 9.87 3.08
N ALA A 116 -2.21 10.37 2.40
CA ALA A 116 -3.47 10.72 3.09
C ALA A 116 -4.05 9.42 3.64
N GLY A 117 -4.01 8.36 2.85
CA GLY A 117 -4.55 7.08 3.32
C GLY A 117 -3.80 6.52 4.48
N VAL A 118 -2.46 6.62 4.42
CA VAL A 118 -1.63 6.05 5.45
C VAL A 118 -1.76 6.85 6.73
N VAL A 119 -1.84 8.16 6.64
CA VAL A 119 -2.09 9.00 7.84
C VAL A 119 -3.40 8.59 8.49
N TYR A 120 -4.42 8.38 7.71
CA TYR A 120 -5.68 7.94 8.27
C TYR A 120 -5.57 6.62 9.03
N LEU A 121 -4.94 5.62 8.39
CA LEU A 121 -4.81 4.34 8.99
C LEU A 121 -4.01 4.42 10.24
N HIS A 122 -2.90 5.15 10.19
CA HIS A 122 -2.09 5.23 11.36
C HIS A 122 -2.85 5.96 12.52
N GLY A 123 -3.63 6.94 12.17
CA GLY A 123 -4.37 7.73 13.17
C GLY A 123 -5.44 6.84 13.84
N ILE A 124 -6.00 5.81 13.19
CA ILE A 124 -6.88 4.91 13.87
C ILE A 124 -6.14 3.76 14.44
N GLY A 125 -4.80 3.80 14.44
CA GLY A 125 -3.96 2.77 15.02
C GLY A 125 -3.84 1.47 14.25
N ILE A 126 -4.14 1.51 12.95
CA ILE A 126 -3.99 0.37 12.03
C ILE A 126 -2.66 0.49 11.19
N THR A 127 -1.90 -0.60 11.08
CA THR A 127 -0.79 -0.68 10.11
C THR A 127 -1.16 -1.64 9.01
N HIS A 128 -0.95 -1.27 7.75
CA HIS A 128 -1.36 -2.07 6.61
C HIS A 128 -0.41 -3.27 6.40
N ARG A 129 0.89 -3.02 6.51
CA ARG A 129 1.97 -3.99 6.39
C ARG A 129 2.24 -4.63 5.03
N ASP A 130 1.52 -4.26 4.00
CA ASP A 130 1.84 -4.77 2.67
C ASP A 130 1.55 -3.77 1.60
N ILE A 131 2.05 -2.54 1.77
CA ILE A 131 1.86 -1.50 0.76
C ILE A 131 2.72 -1.78 -0.44
N LYS A 132 2.10 -1.92 -1.59
CA LYS A 132 2.82 -2.11 -2.83
C LYS A 132 1.82 -1.80 -3.90
N PRO A 133 2.27 -1.57 -5.15
CA PRO A 133 1.37 -1.11 -6.24
C PRO A 133 0.19 -2.03 -6.54
N HIS A 134 0.32 -3.32 -6.35
CA HIS A 134 -0.81 -4.24 -6.52
C HIS A 134 -1.95 -4.00 -5.60
N ASN A 135 -1.67 -3.47 -4.40
CA ASN A 135 -2.67 -3.18 -3.38
C ASN A 135 -3.21 -1.77 -3.37
N LEU A 136 -2.79 -0.97 -4.34
CA LEU A 136 -3.20 0.41 -4.43
C LEU A 136 -4.06 0.52 -5.66
N LEU A 137 -5.36 0.61 -5.41
CA LEU A 137 -6.35 0.56 -6.47
C LEU A 137 -6.87 1.97 -6.84
N LEU A 138 -7.41 2.09 -8.03
CA LEU A 138 -7.85 3.34 -8.60
C LEU A 138 -9.37 3.29 -8.84
N ASP A 139 -10.07 4.35 -8.47
CA ASP A 139 -11.50 4.48 -8.80
C ASP A 139 -11.59 5.06 -10.21
N GLU A 140 -12.79 5.41 -10.63
CA GLU A 140 -12.98 5.80 -12.05
C GLU A 140 -12.41 7.19 -12.38
N ARG A 141 -12.20 8.02 -11.38
CA ARG A 141 -11.51 9.31 -11.53
C ARG A 141 -10.04 9.24 -11.08
N ASP A 142 -9.50 8.02 -11.07
CA ASP A 142 -8.12 7.77 -10.69
C ASP A 142 -7.74 8.22 -9.29
N ASN A 143 -8.66 8.16 -8.37
CA ASN A 143 -8.35 8.30 -6.99
C ASN A 143 -7.88 6.96 -6.44
N LEU A 144 -6.78 7.05 -5.70
CA LEU A 144 -6.13 5.90 -5.17
C LEU A 144 -6.80 5.45 -3.89
N LYS A 145 -6.86 4.14 -3.73
CA LYS A 145 -7.43 3.52 -2.58
C LYS A 145 -6.52 2.42 -2.09
N ILE A 146 -6.15 2.48 -0.83
CA ILE A 146 -5.38 1.45 -0.22
C ILE A 146 -6.30 0.23 0.07
N ALA A 147 -6.02 -0.89 -0.58
CA ALA A 147 -6.80 -2.11 -0.48
C ALA A 147 -6.03 -3.30 0.16
N ASP A 148 -6.77 -4.34 0.53
CA ASP A 148 -6.27 -5.58 1.11
C ASP A 148 -5.80 -5.48 2.53
N TYR A 149 -6.68 -5.87 3.46
CA TYR A 149 -6.38 -5.76 4.86
C TYR A 149 -6.15 -7.07 5.52
N SER A 150 -5.79 -8.06 4.72
CA SER A 150 -5.57 -9.40 5.23
C SER A 150 -4.30 -9.49 6.06
N LEU A 151 -3.31 -8.59 5.86
CA LEU A 151 -2.14 -8.56 6.73
C LEU A 151 -2.17 -7.42 7.75
N ALA A 152 -3.21 -6.61 7.76
CA ALA A 152 -3.21 -5.45 8.58
C ALA A 152 -3.36 -5.84 10.06
N THR A 153 -2.93 -4.97 10.96
CA THR A 153 -3.05 -5.20 12.40
C THR A 153 -3.05 -3.93 13.19
N VAL A 154 -3.44 -4.05 14.46
CA VAL A 154 -3.55 -2.91 15.34
C VAL A 154 -2.24 -2.71 15.99
N PHE A 155 -1.71 -1.50 15.94
CA PHE A 155 -0.46 -1.25 16.60
C PHE A 155 -0.62 -0.19 17.70
N ARG A 156 -1.79 0.40 17.83
CA ARG A 156 -2.05 1.41 18.88
C ARG A 156 -3.42 1.17 19.38
N TYR A 157 -3.56 0.97 20.71
CA TYR A 157 -4.91 0.77 21.27
C TYR A 157 -4.96 1.45 22.63
N ASN A 158 -6.08 2.14 22.94
CA ASN A 158 -6.12 2.96 24.21
C ASN A 158 -4.92 3.89 24.36
N ASN A 159 -4.44 4.38 23.23
CA ASN A 159 -3.32 5.28 23.16
C ASN A 159 -2.00 4.70 23.57
N ARG A 160 -1.88 3.36 23.56
CA ARG A 160 -0.63 2.70 23.86
C ARG A 160 -0.14 1.95 22.61
N GLU A 161 1.10 2.22 22.26
CA GLU A 161 1.67 1.57 21.10
C GLU A 161 2.10 0.18 21.48
N ARG A 162 1.95 -0.79 20.61
CA ARG A 162 2.63 -2.07 20.74
C ARG A 162 3.61 -2.21 19.59
N LEU A 163 4.77 -2.74 19.88
CA LEU A 163 5.76 -3.06 18.87
C LEU A 163 5.33 -4.28 18.13
N LEU A 164 5.69 -4.41 16.87
CA LEU A 164 5.41 -5.64 16.12
C LEU A 164 6.59 -6.62 16.22
N ASN A 165 6.34 -7.91 16.06
CA ASN A 165 7.41 -8.95 15.86
C ASN A 165 7.21 -9.95 14.67
N LYS A 166 6.05 -10.04 14.13
CA LYS A 166 5.79 -10.93 13.03
C LYS A 166 6.42 -10.33 11.74
N MET A 167 6.93 -11.23 10.91
CA MET A 167 7.44 -10.92 9.59
C MET A 167 6.27 -10.95 8.71
N CYS A 168 5.91 -9.84 8.08
CA CYS A 168 5.07 -9.93 6.88
C CYS A 168 5.34 -8.85 5.90
N GLY A 169 4.70 -8.95 4.78
CA GLY A 169 4.96 -8.10 3.66
C GLY A 169 5.49 -8.86 2.50
N THR A 170 6.17 -8.10 1.65
CA THR A 170 6.73 -8.53 0.39
C THR A 170 8.14 -8.03 0.34
N LEU A 171 9.13 -8.93 0.16
CA LEU A 171 10.53 -8.58 0.45
C LEU A 171 11.07 -7.25 -0.18
N PRO A 172 10.81 -6.98 -1.46
CA PRO A 172 11.32 -5.81 -2.05
C PRO A 172 10.75 -4.50 -1.48
N TYR A 173 9.63 -4.58 -0.79
CA TYR A 173 8.95 -3.49 -0.11
C TYR A 173 9.14 -3.40 1.36
N VAL A 174 9.79 -4.38 1.94
CA VAL A 174 9.86 -4.49 3.39
C VAL A 174 11.05 -3.70 3.92
N ALA A 175 10.87 -3.08 5.09
CA ALA A 175 11.90 -2.28 5.67
C ALA A 175 12.95 -3.19 6.26
N PRO A 176 14.18 -2.71 6.33
CA PRO A 176 15.30 -3.52 6.80
C PRO A 176 15.22 -3.97 8.27
N GLU A 177 14.67 -3.15 9.17
CA GLU A 177 14.51 -3.52 10.59
C GLU A 177 13.72 -4.78 10.74
N LEU A 178 12.81 -5.02 9.81
CA LEU A 178 12.02 -6.23 9.90
C LEU A 178 12.84 -7.51 9.67
N LEU A 179 13.86 -7.43 8.85
CA LEU A 179 14.80 -8.53 8.74
C LEU A 179 15.85 -8.56 9.86
N LYS A 180 16.03 -7.50 10.64
CA LYS A 180 17.13 -7.46 11.61
C LYS A 180 16.71 -7.40 13.07
N ARG A 181 15.52 -6.97 13.40
CA ARG A 181 15.21 -6.68 14.79
C ARG A 181 14.17 -7.59 15.25
N ARG A 182 14.23 -7.91 16.55
CA ARG A 182 13.24 -8.82 17.18
C ARG A 182 11.94 -8.09 17.17
N GLU A 183 11.99 -6.81 17.48
CA GLU A 183 10.73 -6.02 17.57
C GLU A 183 10.98 -4.69 16.95
N PHE A 184 9.96 -4.12 16.37
CA PHE A 184 10.13 -2.83 15.66
C PHE A 184 8.79 -2.06 15.69
N HIS A 185 8.92 -0.75 15.49
CA HIS A 185 7.79 0.11 15.37
C HIS A 185 7.08 -0.09 14.03
N ALA A 186 5.74 -0.06 14.07
CA ALA A 186 4.91 -0.25 12.89
C ALA A 186 4.98 0.85 11.84
N GLU A 187 4.91 2.10 12.28
CA GLU A 187 4.76 3.19 11.37
C GLU A 187 5.91 3.38 10.39
N PRO A 188 7.19 3.34 10.87
CA PRO A 188 8.28 3.48 9.93
C PRO A 188 8.37 2.36 8.87
N VAL A 189 7.79 1.20 9.13
CA VAL A 189 7.76 0.14 8.17
C VAL A 189 6.84 0.54 7.03
N ASP A 190 5.68 1.05 7.35
CA ASP A 190 4.73 1.48 6.28
C ASP A 190 5.32 2.69 5.46
N VAL A 191 6.00 3.61 6.12
CA VAL A 191 6.66 4.72 5.47
C VAL A 191 7.72 4.21 4.49
N TRP A 192 8.54 3.25 4.91
CA TRP A 192 9.58 2.71 4.06
C TRP A 192 8.94 2.18 2.78
N SER A 193 7.86 1.37 2.92
CA SER A 193 7.23 0.77 1.76
C SER A 193 6.60 1.83 0.82
N CYS A 194 6.12 2.96 1.36
CA CYS A 194 5.69 4.13 0.54
C CYS A 194 6.86 4.66 -0.27
N GLY A 195 8.06 4.65 0.27
CA GLY A 195 9.23 5.13 -0.52
C GLY A 195 9.61 4.13 -1.61
N ILE A 196 9.43 2.85 -1.39
CA ILE A 196 9.65 1.91 -2.51
C ILE A 196 8.61 2.09 -3.58
N VAL A 197 7.35 2.30 -3.16
CA VAL A 197 6.30 2.63 -4.13
C VAL A 197 6.66 3.88 -4.95
N LEU A 198 7.13 4.92 -4.29
CA LEU A 198 7.43 6.11 -4.99
C LEU A 198 8.59 5.86 -6.00
N THR A 199 9.56 5.08 -5.59
CA THR A 199 10.65 4.73 -6.47
C THR A 199 10.17 4.02 -7.76
N ALA A 200 9.26 3.05 -7.56
CA ALA A 200 8.67 2.31 -8.66
C ALA A 200 7.89 3.23 -9.61
N MET A 201 7.10 4.16 -9.06
CA MET A 201 6.37 5.12 -9.92
C MET A 201 7.29 6.01 -10.71
N LEU A 202 8.44 6.37 -10.18
CA LEU A 202 9.27 7.29 -10.90
C LEU A 202 10.33 6.65 -11.76
N ALA A 203 10.57 5.37 -11.59
CA ALA A 203 11.62 4.71 -12.35
C ALA A 203 11.20 3.42 -13.01
N GLY A 204 10.01 2.92 -12.68
CA GLY A 204 9.51 1.71 -13.29
C GLY A 204 10.31 0.46 -12.96
N GLU A 205 11.02 0.46 -11.85
CA GLU A 205 11.84 -0.65 -11.41
C GLU A 205 12.03 -0.55 -9.88
N LEU A 206 12.11 -1.70 -9.25
CA LEU A 206 12.37 -1.83 -7.85
C LEU A 206 13.90 -1.80 -7.63
N PRO A 207 14.35 -1.17 -6.57
CA PRO A 207 15.77 -0.99 -6.41
C PRO A 207 16.54 -2.23 -5.89
N TRP A 208 15.87 -3.15 -5.18
CA TRP A 208 16.58 -4.33 -4.65
C TRP A 208 15.59 -5.38 -4.36
N ASP A 209 16.09 -6.59 -4.30
CA ASP A 209 15.28 -7.76 -3.97
C ASP A 209 14.87 -7.76 -2.52
N GLN A 210 15.75 -7.19 -1.71
CA GLN A 210 15.49 -7.08 -0.31
C GLN A 210 16.51 -6.20 0.30
N PRO A 211 16.16 -5.51 1.40
CA PRO A 211 17.02 -4.48 1.98
C PRO A 211 18.01 -5.10 2.95
N SER A 212 18.90 -5.95 2.44
CA SER A 212 19.91 -6.54 3.36
C SER A 212 21.28 -6.21 2.84
N ASP A 213 22.24 -6.13 3.75
CA ASP A 213 23.63 -5.78 3.36
C ASP A 213 24.29 -6.77 2.38
N SER A 214 23.87 -8.02 2.39
CA SER A 214 24.31 -8.97 1.36
C SER A 214 23.72 -8.74 -0.01
N CYS A 215 22.92 -7.71 -0.18
CA CYS A 215 22.31 -7.42 -1.46
C CYS A 215 23.05 -6.19 -2.01
N GLN A 216 23.67 -6.35 -3.16
CA GLN A 216 24.60 -5.36 -3.64
C GLN A 216 23.89 -4.03 -3.94
N GLU A 217 22.70 -4.07 -4.53
CA GLU A 217 22.03 -2.80 -4.86
C GLU A 217 21.68 -2.00 -3.59
N TYR A 218 21.39 -2.67 -2.50
CA TYR A 218 21.07 -2.01 -1.24
C TYR A 218 22.33 -1.42 -0.69
N SER A 219 23.40 -2.18 -0.74
CA SER A 219 24.74 -1.63 -0.32
C SER A 219 25.11 -0.43 -1.04
N ASP A 220 24.96 -0.49 -2.35
CA ASP A 220 25.23 0.67 -3.21
C ASP A 220 24.41 1.93 -2.83
N TRP A 221 23.12 1.73 -2.50
CA TRP A 221 22.31 2.86 -2.05
C TRP A 221 22.83 3.43 -0.77
N LYS A 222 23.22 2.58 0.16
CA LYS A 222 23.73 3.13 1.42
C LYS A 222 25.09 3.87 1.24
N GLU A 223 25.84 3.53 0.20
CA GLU A 223 27.04 4.27 -0.15
C GLU A 223 26.74 5.41 -1.07
N LYS A 224 25.47 5.70 -1.32
CA LYS A 224 25.06 6.83 -2.12
C LYS A 224 25.51 6.86 -3.54
N LYS A 225 25.52 5.70 -4.14
CA LYS A 225 25.85 5.62 -5.55
C LYS A 225 24.63 5.88 -6.37
N THR A 226 24.23 7.14 -6.40
CA THR A 226 23.01 7.52 -7.11
C THR A 226 23.21 7.74 -8.60
N TYR A 227 24.41 7.48 -9.10
CA TYR A 227 24.64 7.45 -10.58
C TYR A 227 24.23 6.12 -11.12
N LEU A 228 23.89 5.15 -10.28
CA LEU A 228 23.27 3.93 -10.79
C LEU A 228 21.74 4.02 -10.86
N ASN A 229 21.15 3.08 -11.61
CA ASN A 229 19.71 2.85 -11.68
C ASN A 229 19.23 2.23 -10.40
N PRO A 230 17.99 2.50 -9.94
CA PRO A 230 17.02 3.36 -10.60
C PRO A 230 17.21 4.81 -10.32
N TRP A 231 18.14 5.16 -9.45
CA TRP A 231 18.22 6.51 -8.90
C TRP A 231 18.54 7.57 -9.98
N LYS A 232 19.29 7.18 -11.01
CA LYS A 232 19.67 8.15 -12.04
C LYS A 232 18.54 8.57 -12.92
N LYS A 233 17.46 7.79 -12.92
CA LYS A 233 16.25 8.18 -13.60
C LYS A 233 15.41 9.19 -12.83
N ILE A 234 15.78 9.51 -11.60
CA ILE A 234 14.89 10.25 -10.73
C ILE A 234 15.41 11.63 -10.54
N ASP A 235 14.54 12.62 -10.72
CA ASP A 235 15.00 14.00 -10.57
C ASP A 235 15.46 14.25 -9.17
N SER A 236 16.25 15.31 -9.00
CA SER A 236 16.88 15.57 -7.75
C SER A 236 15.91 15.89 -6.62
N ALA A 237 14.79 16.53 -6.88
CA ALA A 237 13.88 16.88 -5.78
C ALA A 237 13.18 15.59 -5.18
N PRO A 238 12.58 14.76 -5.99
CA PRO A 238 12.00 13.52 -5.42
C PRO A 238 13.06 12.62 -4.83
N LEU A 239 14.26 12.67 -5.41
CA LEU A 239 15.34 11.84 -4.92
C LEU A 239 15.79 12.24 -3.54
N ALA A 240 15.78 13.56 -3.25
CA ALA A 240 16.09 14.06 -1.90
C ALA A 240 15.08 13.55 -0.86
N LEU A 241 13.82 13.43 -1.25
CA LEU A 241 12.83 12.83 -0.40
C LEU A 241 13.08 11.34 -0.19
N LEU A 242 13.42 10.64 -1.25
CA LEU A 242 13.75 9.25 -1.12
C LEU A 242 14.96 9.05 -0.22
N HIS A 243 15.94 9.96 -0.30
CA HIS A 243 17.07 9.86 0.69
C HIS A 243 16.60 9.96 2.14
N LYS A 244 15.50 10.64 2.44
CA LYS A 244 14.99 10.73 3.84
C LYS A 244 14.10 9.58 4.26
N ILE A 245 13.44 8.96 3.29
CA ILE A 245 12.56 7.85 3.58
C ILE A 245 13.32 6.58 3.69
N LEU A 246 14.16 6.33 2.71
CA LEU A 246 14.84 5.01 2.67
C LEU A 246 16.18 5.03 3.49
N VAL A 247 16.02 5.28 4.77
CA VAL A 247 17.07 5.41 5.76
C VAL A 247 16.97 4.16 6.62
N GLU A 248 18.11 3.52 6.83
CA GLU A 248 18.08 2.17 7.39
C GLU A 248 17.65 2.16 8.86
N ASN A 249 18.10 3.11 9.64
CA ASN A 249 17.69 3.19 11.02
C ASN A 249 16.30 3.78 11.10
N PRO A 250 15.32 3.02 11.61
CA PRO A 250 13.95 3.50 11.62
C PRO A 250 13.70 4.75 12.47
N SER A 251 14.52 4.99 13.46
CA SER A 251 14.29 6.19 14.29
C SER A 251 14.91 7.43 13.68
N ALA A 252 15.73 7.31 12.65
CA ALA A 252 16.19 8.48 11.94
C ALA A 252 15.37 8.67 10.69
N ARG A 253 14.62 7.68 10.25
CA ARG A 253 13.82 7.80 9.05
C ARG A 253 12.77 8.95 9.20
N ILE A 254 12.47 9.66 8.13
CA ILE A 254 11.51 10.71 8.17
C ILE A 254 10.12 10.19 8.53
N THR A 255 9.32 11.04 9.17
CA THR A 255 7.95 10.65 9.54
C THR A 255 7.02 11.31 8.58
N ILE A 256 5.77 10.92 8.58
CA ILE A 256 4.84 11.54 7.67
C ILE A 256 4.62 13.05 7.87
N PRO A 257 4.47 13.52 9.13
CA PRO A 257 4.45 15.00 9.33
C PRO A 257 5.55 15.73 8.64
N ASP A 258 6.77 15.18 8.72
CA ASP A 258 7.92 15.75 8.02
C ASP A 258 7.99 15.52 6.50
N ILE A 259 7.47 14.41 6.03
CA ILE A 259 7.26 14.25 4.57
C ILE A 259 6.40 15.38 4.01
N LYS A 260 5.38 15.75 4.75
CA LYS A 260 4.46 16.82 4.28
C LYS A 260 5.07 18.21 4.15
N LYS A 261 6.26 18.42 4.71
CA LYS A 261 7.02 19.65 4.59
C LYS A 261 8.10 19.53 3.56
N ASP A 262 8.26 18.36 2.94
CA ASP A 262 9.31 18.17 1.98
C ASP A 262 9.12 19.07 0.77
N ARG A 263 10.23 19.51 0.21
CA ARG A 263 10.20 20.38 -0.99
C ARG A 263 9.48 19.76 -2.20
N TRP A 264 9.86 18.56 -2.60
CA TRP A 264 9.11 17.94 -3.71
C TRP A 264 7.66 17.72 -3.42
N TYR A 265 7.36 17.24 -2.21
CA TYR A 265 5.96 17.02 -1.84
C TYR A 265 5.08 18.24 -2.03
N ASN A 266 5.65 19.43 -1.79
CA ASN A 266 4.88 20.67 -1.95
C ASN A 266 5.17 21.40 -3.30
N LYS A 267 5.87 20.75 -4.23
CA LYS A 267 6.17 21.41 -5.50
C LYS A 267 4.99 21.40 -6.38
N PRO A 268 4.58 22.56 -6.90
CA PRO A 268 3.49 22.51 -7.92
C PRO A 268 3.92 21.85 -9.24
N LEU A 269 3.14 20.89 -9.75
CA LEU A 269 3.57 20.15 -10.93
C LEU A 269 2.41 20.09 -11.92
N LYS A 270 2.71 20.25 -13.20
CA LYS A 270 1.81 20.03 -14.36
C LYS A 270 0.77 18.95 -14.08
C4 4K4 B . -10.17 -5.61 -6.39
C5 4K4 B . -10.81 -4.94 -5.36
C6 4K4 B . -11.67 -3.92 -5.67
N1 4K4 B . -11.82 -3.57 -6.95
N3 4K4 B . -10.34 -5.25 -7.66
CAU 4K4 B . -10.22 -10.75 -16.98
CAS 4K4 B . -10.10 -12.25 -17.24
NBL 4K4 B . -10.13 -12.96 -15.95
CAB 4K4 B . -10.28 -14.43 -16.11
CAT 4K4 B . -8.96 -12.54 -15.15
CAV 4K4 B . -9.03 -11.04 -14.85
NBN 4K4 B . -9.15 -10.24 -16.09
CBK 4K4 B . -9.44 -8.81 -15.85
CAP 4K4 B . -8.24 -7.90 -16.19
CAR 4K4 B . -8.62 -6.41 -16.05
CAO 4K4 B . -9.84 -8.52 -14.39
CAQ 4K4 B . -10.34 -7.10 -14.30
NBM 4K4 B . -9.29 -6.15 -14.75
CBA 4K4 B . -9.00 -5.04 -14.06
OAE 4K4 B . -8.27 -4.25 -14.53
CBB 4K4 B . -9.65 -4.70 -12.74
CAN 4K4 B . -10.89 -4.11 -12.73
CBE 4K4 B . -11.47 -3.82 -11.51
OAZ 4K4 B . -12.71 -3.27 -11.43
CAA 4K4 B . -13.45 -3.33 -12.66
CAI 4K4 B . -8.98 -4.98 -11.56
CAJ 4K4 B . -9.58 -4.70 -10.34
CBC 4K4 B . -10.84 -4.12 -10.31
NAY 4K4 B . -11.49 -3.78 -9.14
C2 4K4 B . -11.19 -4.24 -7.91
NBP 4K4 B . -9.24 -6.54 -6.16
CAD 4K4 B . -9.16 -7.61 -7.11
CBH 4K4 B . -8.20 -6.39 -5.30
CAL 4K4 B . -6.89 -6.56 -5.80
CAH 4K4 B . -5.82 -6.36 -4.96
CAG 4K4 B . -6.00 -6.03 -3.62
CAK 4K4 B . -7.30 -5.83 -3.14
CBG 4K4 B . -8.37 -6.03 -3.99
CBF 4K4 B . -9.75 -5.86 -3.43
OAF 4K4 B . -9.86 -6.16 -2.24
NBO 4K4 B . -10.80 -5.37 -4.10
CAC 4K4 B . -12.03 -5.30 -3.35
CL CL C . 7.79 -2.05 -10.85
#